data_7K6R
#
_entry.id   7K6R
#
_cell.length_a   27.060
_cell.length_b   35.520
_cell.length_c   41.150
_cell.angle_alpha   114.120
_cell.angle_beta   95.930
_cell.angle_gamma   91.060
#
_symmetry.space_group_name_H-M   'P 1'
#
loop_
_entity.id
_entity.type
_entity.pdbx_description
1 polymer 'Nucleosome-remodeling factor subunit BPTF'
2 non-polymer 4-bromo-2-methyl-5-[[(3~{R},5~{R})-1-methyl-5-phenyl-piperidin-3-yl]amino]pyridazin-3-one
3 non-polymer 1,2-ETHANEDIOL
4 water water
#
_entity_poly.entity_id   1
_entity_poly.type   'polypeptide(L)'
_entity_poly.pdbx_seq_one_letter_code
;SMSTEDAMTVLTPLTEKDYEGLKRVLRSLQAHKMAWPFLEPVDPNDAPDYYGVIKEPMDLATMEERVQRRYYEKLTEFVA
DMTKIFDNCRYYNPSDSPFYQCAEVLESFFVQKLKGFKASRSH
;
_entity_poly.pdbx_strand_id   A
#
loop_
_chem_comp.id
_chem_comp.type
_chem_comp.name
_chem_comp.formula
9ST non-polymer 4-bromo-2-methyl-5-[[(3~{R},5~{R})-1-methyl-5-phenyl-piperidin-3-yl]amino]pyridazin-3-one 'C17 H21 Br N4 O'
EDO non-polymer 1,2-ETHANEDIOL 'C2 H6 O2'
#
# COMPACT_ATOMS: atom_id res chain seq x y z
N MET A 2 9.27 -21.94 -5.75
CA MET A 2 9.41 -20.50 -5.58
C MET A 2 10.06 -19.86 -6.80
N SER A 3 9.44 -18.80 -7.32
CA SER A 3 9.95 -18.14 -8.51
C SER A 3 11.08 -17.18 -8.15
N THR A 4 11.74 -16.65 -9.19
CA THR A 4 12.80 -15.67 -8.98
C THR A 4 12.26 -14.40 -8.32
N GLU A 5 11.14 -13.88 -8.83
CA GLU A 5 10.55 -12.70 -8.20
C GLU A 5 10.11 -12.97 -6.77
N ASP A 6 9.58 -14.18 -6.50
CA ASP A 6 9.18 -14.50 -5.14
C ASP A 6 10.38 -14.54 -4.20
N ALA A 7 11.48 -15.15 -4.65
CA ALA A 7 12.69 -15.18 -3.84
C ALA A 7 13.20 -13.77 -3.55
N MET A 8 13.24 -12.92 -4.57
CA MET A 8 13.70 -11.54 -4.36
C MET A 8 12.77 -10.79 -3.42
N THR A 9 11.47 -10.95 -3.59
CA THR A 9 10.51 -10.25 -2.74
C THR A 9 10.73 -10.57 -1.27
N VAL A 10 10.96 -11.85 -0.96
CA VAL A 10 11.11 -12.26 0.43
C VAL A 10 12.50 -11.93 0.96
N LEU A 11 13.54 -12.12 0.14
CA LEU A 11 14.90 -12.22 0.66
C LEU A 11 15.80 -11.03 0.36
N THR A 12 15.60 -10.31 -0.73
CA THR A 12 16.61 -9.40 -1.23
C THR A 12 16.47 -8.02 -0.57
N PRO A 13 17.49 -7.51 0.10
CA PRO A 13 17.41 -6.16 0.68
C PRO A 13 17.02 -5.13 -0.37
N LEU A 14 16.15 -4.22 0.02
CA LEU A 14 15.79 -3.10 -0.84
C LEU A 14 16.97 -2.15 -0.99
N THR A 15 17.35 -1.89 -2.24
CA THR A 15 18.40 -0.94 -2.58
C THR A 15 17.82 0.45 -2.80
N GLU A 16 18.71 1.42 -3.02
CA GLU A 16 18.25 2.76 -3.38
C GLU A 16 17.53 2.75 -4.72
N LYS A 17 18.01 1.96 -5.69
CA LYS A 17 17.28 1.87 -6.95
C LYS A 17 15.91 1.24 -6.74
N ASP A 18 15.82 0.23 -5.87
CA ASP A 18 14.51 -0.31 -5.50
C ASP A 18 13.60 0.77 -4.93
N TYR A 19 14.15 1.61 -4.04
CA TYR A 19 13.34 2.65 -3.43
C TYR A 19 12.84 3.66 -4.44
N GLU A 20 13.64 3.95 -5.49
N GLU A 20 13.63 3.94 -5.49
CA GLU A 20 13.14 4.81 -6.55
CA GLU A 20 13.12 4.82 -6.54
C GLU A 20 11.89 4.21 -7.18
C GLU A 20 11.89 4.21 -7.21
N GLY A 21 11.88 2.89 -7.37
CA GLY A 21 10.70 2.22 -7.90
C GLY A 21 9.53 2.20 -6.94
N LEU A 22 9.79 1.98 -5.65
CA LEU A 22 8.70 2.00 -4.66
C LEU A 22 8.08 3.39 -4.57
N LYS A 23 8.91 4.44 -4.63
CA LYS A 23 8.40 5.81 -4.64
C LYS A 23 7.48 6.03 -5.83
N ARG A 24 7.85 5.50 -7.00
CA ARG A 24 7.01 5.65 -8.18
CA ARG A 24 7.00 5.66 -8.17
C ARG A 24 5.69 4.89 -8.02
N VAL A 25 5.74 3.68 -7.46
CA VAL A 25 4.51 2.92 -7.20
C VAL A 25 3.61 3.70 -6.25
N LEU A 26 4.15 4.15 -5.13
CA LEU A 26 3.34 4.87 -4.15
C LEU A 26 2.74 6.14 -4.74
N ARG A 27 3.54 6.93 -5.46
CA ARG A 27 2.99 8.14 -6.07
C ARG A 27 1.88 7.82 -7.08
N SER A 28 2.00 6.71 -7.80
CA SER A 28 0.94 6.36 -8.76
C SER A 28 -0.35 6.03 -8.04
N LEU A 29 -0.27 5.41 -6.86
CA LEU A 29 -1.48 5.18 -6.09
C LEU A 29 -2.06 6.49 -5.59
N GLN A 30 -1.20 7.37 -5.07
CA GLN A 30 -1.68 8.65 -4.53
C GLN A 30 -2.37 9.49 -5.60
N ALA A 31 -1.98 9.34 -6.86
CA ALA A 31 -2.55 10.08 -7.97
C ALA A 31 -3.78 9.41 -8.57
N HIS A 32 -4.10 8.19 -8.14
CA HIS A 32 -5.21 7.46 -8.74
C HIS A 32 -6.56 8.07 -8.34
N LYS A 33 -7.51 8.03 -9.27
CA LYS A 33 -8.85 8.56 -9.04
C LYS A 33 -9.50 7.98 -7.79
N MET A 34 -9.26 6.70 -7.51
CA MET A 34 -9.89 6.01 -6.40
C MET A 34 -9.08 6.07 -5.10
N ALA A 35 -8.05 6.93 -5.02
CA ALA A 35 -7.24 6.99 -3.82
C ALA A 35 -7.77 7.96 -2.77
N TRP A 36 -8.79 8.74 -3.08
CA TRP A 36 -9.25 9.78 -2.16
C TRP A 36 -9.59 9.26 -0.75
N PRO A 37 -10.10 8.03 -0.56
CA PRO A 37 -10.37 7.60 0.82
C PRO A 37 -9.13 7.40 1.67
N PHE A 38 -7.96 7.22 1.03
CA PHE A 38 -6.80 6.62 1.68
C PHE A 38 -5.59 7.54 1.75
N LEU A 39 -5.73 8.79 1.34
CA LEU A 39 -4.57 9.66 1.27
C LEU A 39 -4.07 10.06 2.66
N GLU A 40 -4.97 10.16 3.61
CA GLU A 40 -4.66 10.62 4.96
C GLU A 40 -5.32 9.68 5.95
N PRO A 41 -4.84 9.63 7.19
CA PRO A 41 -5.43 8.73 8.19
C PRO A 41 -6.93 8.95 8.35
N VAL A 42 -7.64 7.87 8.63
CA VAL A 42 -9.06 7.98 8.96
C VAL A 42 -9.23 8.91 10.17
N ASP A 43 -10.14 9.86 10.04
CA ASP A 43 -10.46 10.76 11.13
C ASP A 43 -11.55 10.13 11.98
N PRO A 44 -11.46 10.21 13.32
CA PRO A 44 -12.54 9.61 14.13
C PRO A 44 -13.91 10.18 13.80
N ASN A 45 -13.99 11.45 13.36
CA ASN A 45 -15.27 12.01 12.95
C ASN A 45 -15.83 11.31 11.71
N ASP A 46 -14.99 10.66 10.90
CA ASP A 46 -15.45 9.90 9.75
C ASP A 46 -16.22 8.64 10.15
N ALA A 47 -15.97 8.11 11.36
CA ALA A 47 -16.47 6.83 11.84
C ALA A 47 -16.06 6.69 13.31
N PRO A 48 -16.92 7.07 14.26
CA PRO A 48 -16.46 7.25 15.64
C PRO A 48 -15.88 6.02 16.30
N ASP A 49 -16.29 4.82 15.92
CA ASP A 49 -15.78 3.60 16.54
C ASP A 49 -14.57 3.01 15.81
N TYR A 50 -14.02 3.73 14.82
CA TYR A 50 -13.02 3.13 13.94
C TYR A 50 -11.78 2.67 14.72
N TYR A 51 -11.25 3.52 15.58
CA TYR A 51 -9.97 3.21 16.20
C TYR A 51 -10.10 2.27 17.38
N GLY A 52 -11.32 1.91 17.77
CA GLY A 52 -11.53 0.85 18.72
C GLY A 52 -11.66 -0.48 18.02
N VAL A 53 -11.89 -0.45 16.72
CA VAL A 53 -12.10 -1.65 15.91
C VAL A 53 -10.85 -2.03 15.12
N ILE A 54 -10.24 -1.05 14.45
CA ILE A 54 -9.12 -1.30 13.56
C ILE A 54 -7.83 -1.20 14.38
N LYS A 55 -7.13 -2.33 14.53
CA LYS A 55 -5.98 -2.36 15.44
C LYS A 55 -4.72 -1.76 14.82
N GLU A 56 -4.57 -1.87 13.51
CA GLU A 56 -3.35 -1.42 12.82
C GLU A 56 -3.75 -0.52 11.66
N PRO A 57 -4.18 0.70 11.94
CA PRO A 57 -4.55 1.62 10.85
C PRO A 57 -3.37 1.88 9.94
N MET A 58 -3.67 2.21 8.69
CA MET A 58 -2.65 2.60 7.73
C MET A 58 -3.28 3.49 6.66
N ASP A 59 -2.45 4.32 6.05
CA ASP A 59 -2.87 5.28 5.04
C ASP A 59 -1.67 5.61 4.18
N LEU A 60 -1.92 6.24 3.04
CA LEU A 60 -0.84 6.47 2.07
C LEU A 60 0.12 7.56 2.52
N ALA A 61 -0.34 8.51 3.34
CA ALA A 61 0.59 9.52 3.86
C ALA A 61 1.57 8.89 4.85
N THR A 62 1.10 7.98 5.69
CA THR A 62 2.01 7.28 6.59
C THR A 62 3.01 6.45 5.79
N MET A 63 2.55 5.78 4.73
CA MET A 63 3.48 5.03 3.88
C MET A 63 4.49 5.96 3.23
N GLU A 64 4.06 7.16 2.81
CA GLU A 64 4.98 8.09 2.19
C GLU A 64 6.09 8.47 3.17
N GLU A 65 5.73 8.70 4.44
CA GLU A 65 6.74 9.00 5.46
C GLU A 65 7.69 7.83 5.64
N ARG A 66 7.13 6.62 5.71
CA ARG A 66 7.96 5.43 5.92
C ARG A 66 8.89 5.20 4.73
N VAL A 67 8.40 5.42 3.51
CA VAL A 67 9.28 5.29 2.35
C VAL A 67 10.40 6.32 2.42
N GLN A 68 10.09 7.59 2.71
CA GLN A 68 11.15 8.59 2.74
C GLN A 68 12.18 8.30 3.82
N ARG A 69 11.76 7.71 4.94
CA ARG A 69 12.68 7.37 6.03
C ARG A 69 13.39 6.03 5.83
N ARG A 70 13.16 5.36 4.69
CA ARG A 70 13.77 4.07 4.37
C ARG A 70 13.46 3.04 5.45
N TYR A 71 12.18 3.05 5.86
CA TYR A 71 11.69 2.16 6.92
C TYR A 71 11.76 0.70 6.49
N TYR A 72 11.45 0.42 5.23
CA TYR A 72 11.36 -0.96 4.75
C TYR A 72 12.72 -1.50 4.36
N GLU A 73 13.01 -2.73 4.81
CA GLU A 73 14.19 -3.47 4.39
C GLU A 73 13.89 -4.51 3.33
N LYS A 74 12.66 -5.04 3.31
CA LYS A 74 12.27 -6.07 2.37
C LYS A 74 10.94 -5.69 1.72
N LEU A 75 10.78 -6.08 0.46
CA LEU A 75 9.56 -5.74 -0.26
C LEU A 75 8.32 -6.26 0.47
N THR A 76 8.41 -7.45 1.09
CA THR A 76 7.27 -7.99 1.82
C THR A 76 6.71 -7.00 2.83
N GLU A 77 7.57 -6.20 3.46
CA GLU A 77 7.14 -5.26 4.50
C GLU A 77 6.38 -4.09 3.89
N PHE A 78 6.85 -3.59 2.74
CA PHE A 78 6.11 -2.56 2.01
C PHE A 78 4.74 -3.06 1.58
N VAL A 79 4.70 -4.27 1.00
CA VAL A 79 3.43 -4.85 0.58
C VAL A 79 2.49 -5.04 1.76
N ALA A 80 3.03 -5.46 2.91
CA ALA A 80 2.18 -5.69 4.09
C ALA A 80 1.53 -4.38 4.57
N ASP A 81 2.29 -3.28 4.62
CA ASP A 81 1.70 -2.00 5.01
C ASP A 81 0.62 -1.59 4.01
N MET A 82 0.91 -1.70 2.71
CA MET A 82 -0.08 -1.30 1.71
C MET A 82 -1.35 -2.14 1.82
N THR A 83 -1.17 -3.45 2.01
CA THR A 83 -2.31 -4.35 2.09
C THR A 83 -3.17 -4.04 3.30
N LYS A 84 -2.56 -3.54 4.39
CA LYS A 84 -3.33 -3.13 5.57
C LYS A 84 -4.37 -2.07 5.20
N ILE A 85 -4.01 -1.13 4.31
CA ILE A 85 -4.95 -0.08 3.94
C ILE A 85 -6.24 -0.68 3.41
N PHE A 86 -6.12 -1.65 2.50
CA PHE A 86 -7.28 -2.24 1.88
C PHE A 86 -7.99 -3.22 2.80
N ASP A 87 -7.22 -4.04 3.53
CA ASP A 87 -7.81 -5.02 4.43
C ASP A 87 -8.60 -4.32 5.55
N ASN A 88 -8.04 -3.25 6.11
CA ASN A 88 -8.74 -2.51 7.15
C ASN A 88 -10.06 -1.97 6.61
N CYS A 89 -10.02 -1.41 5.40
CA CYS A 89 -11.20 -0.81 4.79
C CYS A 89 -12.30 -1.85 4.58
N ARG A 90 -11.93 -3.01 4.02
CA ARG A 90 -12.95 -4.04 3.81
C ARG A 90 -13.41 -4.65 5.13
N TYR A 91 -12.54 -4.70 6.14
CA TYR A 91 -12.94 -5.24 7.43
C TYR A 91 -14.04 -4.40 8.06
N TYR A 92 -13.89 -3.07 8.00
CA TYR A 92 -14.78 -2.16 8.71
C TYR A 92 -16.07 -1.89 7.96
N ASN A 93 -16.01 -1.80 6.62
CA ASN A 93 -17.08 -1.22 5.83
C ASN A 93 -17.93 -2.28 5.14
N PRO A 94 -19.21 -1.95 4.87
CA PRO A 94 -20.02 -2.80 4.00
C PRO A 94 -19.54 -2.71 2.56
N SER A 95 -19.83 -3.75 1.79
CA SER A 95 -19.26 -3.85 0.45
C SER A 95 -19.81 -2.81 -0.51
N ASP A 96 -20.94 -2.17 -0.20
CA ASP A 96 -21.46 -1.11 -1.04
C ASP A 96 -21.04 0.28 -0.56
N SER A 97 -20.13 0.37 0.40
CA SER A 97 -19.58 1.64 0.79
C SER A 97 -18.69 2.17 -0.32
N PRO A 98 -18.73 3.48 -0.60
CA PRO A 98 -17.75 4.04 -1.53
C PRO A 98 -16.31 3.71 -1.16
N PHE A 99 -16.00 3.65 0.14
CA PHE A 99 -14.63 3.31 0.56
C PHE A 99 -14.26 1.91 0.10
N TYR A 100 -15.18 0.96 0.32
CA TYR A 100 -14.96 -0.43 -0.03
C TYR A 100 -14.74 -0.58 -1.53
N GLN A 101 -15.60 0.07 -2.32
CA GLN A 101 -15.47 0.02 -3.79
C GLN A 101 -14.14 0.59 -4.23
N CYS A 102 -13.69 1.69 -3.59
CA CYS A 102 -12.38 2.24 -3.94
C CYS A 102 -11.25 1.29 -3.55
N ALA A 103 -11.39 0.61 -2.41
CA ALA A 103 -10.35 -0.33 -1.99
C ALA A 103 -10.22 -1.46 -3.00
N GLU A 104 -11.33 -1.93 -3.55
CA GLU A 104 -11.27 -3.00 -4.53
C GLU A 104 -10.53 -2.55 -5.77
N VAL A 105 -10.85 -1.35 -6.28
CA VAL A 105 -10.19 -0.85 -7.47
C VAL A 105 -8.73 -0.53 -7.18
N LEU A 106 -8.47 0.21 -6.11
CA LEU A 106 -7.10 0.64 -5.86
C LEU A 106 -6.20 -0.55 -5.54
N GLU A 107 -6.73 -1.59 -4.89
CA GLU A 107 -5.87 -2.74 -4.64
C GLU A 107 -5.51 -3.46 -5.94
N SER A 108 -6.47 -3.59 -6.87
CA SER A 108 -6.15 -4.25 -8.14
C SER A 108 -5.11 -3.45 -8.90
N PHE A 109 -5.18 -2.12 -8.81
CA PHE A 109 -4.19 -1.25 -9.43
C PHE A 109 -2.82 -1.47 -8.77
N PHE A 110 -2.79 -1.52 -7.45
CA PHE A 110 -1.56 -1.79 -6.74
C PHE A 110 -0.95 -3.12 -7.18
N VAL A 111 -1.78 -4.17 -7.28
CA VAL A 111 -1.30 -5.49 -7.70
C VAL A 111 -0.64 -5.40 -9.08
N GLN A 112 -1.29 -4.69 -10.01
CA GLN A 112 -0.69 -4.48 -11.33
C GLN A 112 0.67 -3.79 -11.23
N LYS A 113 0.74 -2.69 -10.46
CA LYS A 113 1.99 -1.93 -10.35
C LYS A 113 3.05 -2.72 -9.61
N LEU A 114 2.64 -3.44 -8.56
CA LEU A 114 3.57 -4.27 -7.81
C LEU A 114 4.20 -5.34 -8.71
N LYS A 115 3.40 -5.96 -9.57
CA LYS A 115 3.92 -6.96 -10.50
C LYS A 115 4.94 -6.34 -11.45
N GLY A 116 4.64 -5.15 -11.96
CA GLY A 116 5.58 -4.44 -12.81
C GLY A 116 6.88 -4.13 -12.08
N PHE A 117 6.76 -3.70 -10.82
CA PHE A 117 7.94 -3.41 -10.02
C PHE A 117 8.78 -4.67 -9.82
N LYS A 118 8.16 -5.78 -9.46
CA LYS A 118 8.93 -7.01 -9.25
C LYS A 118 9.64 -7.44 -10.53
N ALA A 119 8.98 -7.28 -11.68
CA ALA A 119 9.62 -7.67 -12.93
C ALA A 119 10.82 -6.77 -13.22
N SER A 120 10.67 -5.45 -13.03
CA SER A 120 11.76 -4.51 -13.23
C SER A 120 12.96 -4.85 -12.35
N ARG A 121 12.70 -5.30 -11.12
CA ARG A 121 13.75 -5.64 -10.17
C ARG A 121 14.52 -6.89 -10.58
N SER A 122 13.84 -7.82 -11.27
CA SER A 122 14.42 -9.09 -11.67
C SER A 122 15.18 -9.01 -12.99
N HIS A 123 15.09 -7.89 -13.69
CA HIS A 123 15.81 -7.69 -14.93
C HIS A 123 15.86 -6.22 -15.30
C20 9ST B . -13.96 12.09 2.23
C22 9ST B . -14.40 12.74 1.08
C24 9ST B . -13.47 13.31 0.22
C26 9ST B . -12.11 13.23 0.51
C28 9ST B . -11.68 12.57 1.65
C01 9ST B . -9.42 11.47 6.07
N05 9ST B . -10.49 11.10 5.59
C06 9ST B . -10.44 9.67 5.42
C09 9ST B . -11.77 9.13 4.80
C11 9ST B . -12.08 9.82 3.58
C14 9ST B . -12.13 11.25 3.83
C16 9ST B . -10.76 11.75 4.34
C19 9ST B . -12.60 11.99 2.52
N30 9ST B . -11.58 7.66 4.54
C32 9ST B . -12.33 6.75 5.36
C33 9ST B . -13.33 7.26 6.31
N35 9ST B . -14.09 6.31 7.13
N36 9ST B . -13.88 4.87 7.02
C37 9ST B . -14.65 3.95 7.82
C41 9ST B . -12.91 4.33 6.06
O42 9ST B . -12.73 3.16 5.95
C43 9ST B . -12.15 5.31 5.24
BR 9ST B . -10.87 4.63 4.02
C1 EDO C . -8.68 -5.63 11.46
O1 EDO C . -7.64 -6.61 11.42
C2 EDO C . -9.00 -5.31 12.91
O2 EDO C . -7.81 -4.83 13.53
C1 EDO D . 17.89 -13.22 -5.76
O1 EDO D . 17.16 -13.56 -4.58
C2 EDO D . 19.10 -12.38 -5.37
O2 EDO D . 18.69 -11.06 -5.01
#